data_7WRY
#
_entry.id   7WRY
#
_cell.length_a   1.00
_cell.length_b   1.00
_cell.length_c   1.00
_cell.angle_alpha   90.00
_cell.angle_beta   90.00
_cell.angle_gamma   90.00
#
_symmetry.space_group_name_H-M   'P 1'
#
loop_
_entity.id
_entity.type
_entity.pdbx_description
1 polymer 'Spike protein S1'
2 polymer BD55-3546L
3 polymer BD55-3546H
4 branched beta-D-mannopyranose-(1-4)-2-acetamido-2-deoxy-beta-D-glucopyranose-(1-4)-2-acetamido-2-deoxy-beta-D-glucopyranose
#
loop_
_entity_poly.entity_id
_entity_poly.type
_entity_poly.pdbx_seq_one_letter_code
_entity_poly.pdbx_strand_id
1 'polypeptide(L)'
;NLCPFGEVFNATRFASVYAWNRKRISNCVADYSVLYNSASFSTFKCYGVSPTKLNDLCFTNVYADSFVIRGDEVRQIAPG
QTGKIADYNYKLPDDFTGCVIAWNSNNLDSKVGGNYNYRYRLFRKSNLKPFERDISTEIYQAGSKPCNGVEGFNCYFPLQ
SYGFQPTNGVGYQPYRVVVLSFELLHAPATVCG
;
R
2 'polypeptide(L)'
;DVVLTQSPATLSVSPGERATLSCRASHNVGTSLAWYQQKPGQAPRLLIHGVSTRATGVPARFSDSGSGTEFTLTISSLQS
EDLAVYYCQQYNYWPLTFGGGTKVEI
;
L
3 'polypeptide(L)'
;QVQLVQSGSALKRPGASVKLSCKASGYTFINYAIHWVRQAPGQGLQWMGWINPNTGIPTYAQGFTGRFVFSLDTSVSTAY
LQLSSLKIEDTAVYYCARDQDLYERAFDIWGQGTMVTVS
;
H
#
# COMPACT_ATOMS: atom_id res chain seq x y z
N ASN A 1 10.44 -22.86 -3.43
CA ASN A 1 9.16 -22.46 -2.86
C ASN A 1 9.39 -21.53 -1.67
N LEU A 2 9.54 -20.24 -1.94
CA LEU A 2 9.76 -19.28 -0.88
C LEU A 2 8.46 -19.03 -0.10
N CYS A 3 8.61 -18.79 1.20
CA CYS A 3 7.45 -18.44 2.00
C CYS A 3 6.98 -17.02 1.71
N PRO A 4 5.68 -16.78 1.74
CA PRO A 4 5.15 -15.44 1.43
C PRO A 4 5.30 -14.45 2.58
N PHE A 5 6.55 -14.15 2.92
CA PHE A 5 6.82 -13.06 3.85
C PHE A 5 6.67 -11.71 3.18
N GLY A 6 6.71 -11.66 1.85
CA GLY A 6 6.54 -10.43 1.13
C GLY A 6 5.13 -9.93 1.00
N GLU A 7 4.13 -10.70 1.41
CA GLU A 7 2.77 -10.19 1.42
C GLU A 7 2.23 -10.01 2.83
N VAL A 8 3.09 -10.17 3.83
CA VAL A 8 2.77 -9.79 5.20
C VAL A 8 3.41 -8.45 5.55
N PHE A 9 4.62 -8.23 5.08
CA PHE A 9 5.40 -7.05 5.43
C PHE A 9 5.21 -5.91 4.44
N ASN A 10 4.64 -6.15 3.27
CA ASN A 10 4.51 -5.13 2.25
C ASN A 10 3.10 -4.62 2.06
N ALA A 11 2.13 -5.11 2.83
CA ALA A 11 0.73 -4.80 2.56
C ALA A 11 0.44 -3.33 2.86
N THR A 12 -0.32 -2.71 1.97
CA THR A 12 -0.66 -1.30 2.05
C THR A 12 -1.52 -0.98 3.26
N ARG A 13 -2.55 -1.78 3.50
CA ARG A 13 -3.47 -1.59 4.61
C ARG A 13 -3.28 -2.72 5.61
N PHE A 14 -2.66 -2.43 6.76
CA PHE A 14 -2.69 -3.38 7.84
C PHE A 14 -4.03 -3.31 8.56
N ALA A 15 -4.27 -4.32 9.40
CA ALA A 15 -5.52 -4.41 10.13
C ALA A 15 -5.41 -3.72 11.48
N SER A 16 -6.55 -3.40 12.06
CA SER A 16 -6.57 -2.83 13.40
C SER A 16 -6.20 -3.90 14.42
N VAL A 17 -5.81 -3.45 15.61
CA VAL A 17 -5.31 -4.38 16.61
C VAL A 17 -6.44 -5.21 17.23
N TYR A 18 -7.68 -4.73 17.20
CA TYR A 18 -8.75 -5.57 17.72
C TYR A 18 -9.07 -6.72 16.76
N ALA A 19 -9.14 -6.44 15.47
CA ALA A 19 -9.28 -7.48 14.45
C ALA A 19 -7.94 -7.71 13.75
N TRP A 20 -6.96 -8.23 14.51
CA TRP A 20 -5.64 -8.45 13.95
C TRP A 20 -5.66 -9.59 12.93
N ASN A 21 -4.93 -9.40 11.85
CA ASN A 21 -4.87 -10.41 10.79
C ASN A 21 -4.08 -11.62 11.24
N ARG A 22 -4.28 -12.74 10.56
CA ARG A 22 -3.55 -13.97 10.84
C ARG A 22 -3.36 -14.74 9.55
N LYS A 23 -2.12 -15.11 9.26
CA LYS A 23 -1.79 -15.82 8.03
C LYS A 23 -1.10 -17.13 8.35
N ARG A 24 -1.60 -18.22 7.77
CA ARG A 24 -0.93 -19.52 7.82
C ARG A 24 0.22 -19.53 6.83
N ILE A 25 1.43 -19.74 7.32
CA ILE A 25 2.60 -19.90 6.48
C ILE A 25 3.03 -21.36 6.61
N SER A 26 2.92 -22.12 5.52
CA SER A 26 3.15 -23.55 5.56
C SER A 26 3.64 -24.03 4.21
N ASN A 27 4.40 -25.13 4.24
CA ASN A 27 4.89 -25.85 3.05
C ASN A 27 5.71 -24.96 2.13
N CYS A 28 6.74 -24.33 2.70
CA CYS A 28 7.60 -23.44 1.92
C CYS A 28 8.95 -23.34 2.61
N VAL A 29 9.86 -22.62 1.96
CA VAL A 29 11.20 -22.38 2.47
C VAL A 29 11.29 -20.94 2.94
N ALA A 30 11.54 -20.73 4.23
CA ALA A 30 11.54 -19.41 4.83
C ALA A 30 12.97 -18.93 5.01
N ASP A 31 13.27 -17.74 4.50
CA ASP A 31 14.56 -17.11 4.70
C ASP A 31 14.35 -15.99 5.71
N TYR A 32 14.89 -16.18 6.92
CA TYR A 32 14.77 -15.18 7.97
C TYR A 32 15.94 -14.23 8.03
N SER A 33 17.04 -14.53 7.34
CA SER A 33 18.19 -13.65 7.37
C SER A 33 17.95 -12.37 6.58
N VAL A 34 17.06 -12.42 5.57
CA VAL A 34 16.74 -11.22 4.82
C VAL A 34 15.86 -10.27 5.63
N LEU A 35 15.24 -10.75 6.71
CA LEU A 35 14.51 -9.88 7.63
C LEU A 35 15.38 -9.37 8.76
N TYR A 36 16.35 -10.16 9.22
CA TYR A 36 17.34 -9.65 10.17
C TYR A 36 18.22 -8.59 9.55
N ASN A 37 18.72 -8.83 8.34
CA ASN A 37 19.63 -7.91 7.68
C ASN A 37 18.87 -6.96 6.76
N SER A 38 17.90 -6.26 7.34
CA SER A 38 17.05 -5.36 6.59
C SER A 38 17.20 -3.90 6.97
N ALA A 39 17.58 -3.60 8.22
CA ALA A 39 17.82 -2.25 8.74
C ALA A 39 16.60 -1.34 8.59
N SER A 40 15.41 -1.90 8.82
CA SER A 40 14.18 -1.14 8.68
C SER A 40 13.36 -1.20 9.95
N PHE A 41 13.52 -2.29 10.71
CA PHE A 41 12.66 -2.59 11.84
C PHE A 41 13.24 -2.00 13.13
N SER A 42 12.39 -1.29 13.88
CA SER A 42 12.82 -0.75 15.16
C SER A 42 12.94 -1.85 16.21
N THR A 43 12.07 -2.84 16.15
CA THR A 43 12.03 -3.92 17.12
C THR A 43 12.06 -5.27 16.40
N PHE A 44 13.04 -6.10 16.74
CA PHE A 44 13.06 -7.48 16.27
C PHE A 44 13.54 -8.34 17.44
N LYS A 45 12.91 -8.17 18.59
CA LYS A 45 13.26 -8.95 19.76
C LYS A 45 12.68 -10.35 19.59
N CYS A 46 13.50 -11.37 19.77
CA CYS A 46 13.02 -12.73 19.56
C CYS A 46 13.12 -13.58 20.81
N TYR A 47 12.05 -14.33 21.05
CA TYR A 47 11.81 -15.03 22.31
C TYR A 47 11.72 -16.52 22.02
N GLY A 48 12.52 -17.31 22.75
CA GLY A 48 12.49 -18.75 22.59
C GLY A 48 13.36 -19.28 21.47
N VAL A 49 13.92 -18.40 20.64
CA VAL A 49 14.78 -18.81 19.54
C VAL A 49 15.72 -17.64 19.25
N SER A 50 16.92 -17.96 18.80
CA SER A 50 17.78 -16.83 18.49
C SER A 50 17.66 -16.46 17.02
N PRO A 51 17.61 -15.15 16.71
CA PRO A 51 17.39 -14.73 15.31
C PRO A 51 18.54 -15.07 14.37
N THR A 52 19.77 -15.21 14.86
CA THR A 52 20.86 -15.56 13.98
C THR A 52 20.88 -17.04 13.61
N LYS A 53 20.20 -17.89 14.38
CA LYS A 53 20.08 -19.30 14.06
C LYS A 53 18.71 -19.65 13.51
N LEU A 54 17.92 -18.64 13.12
CA LEU A 54 16.56 -18.87 12.66
C LEU A 54 16.51 -19.50 11.27
N ASN A 55 17.57 -19.38 10.49
CA ASN A 55 17.58 -19.84 9.11
C ASN A 55 17.95 -21.31 8.99
N ASP A 56 18.11 -22.00 10.12
CA ASP A 56 18.50 -23.40 10.13
C ASP A 56 17.43 -24.33 10.68
N LEU A 57 16.49 -23.82 11.47
CA LEU A 57 15.47 -24.63 12.10
C LEU A 57 14.39 -25.02 11.11
N CYS A 58 13.55 -25.97 11.52
CA CYS A 58 12.36 -26.34 10.76
C CYS A 58 11.16 -26.33 11.70
N PHE A 59 10.09 -25.66 11.28
CA PHE A 59 8.89 -25.50 12.07
C PHE A 59 7.73 -26.25 11.45
N THR A 60 6.71 -26.53 12.28
CA THR A 60 5.52 -27.21 11.78
C THR A 60 4.57 -26.23 11.12
N ASN A 61 4.12 -25.23 11.87
CA ASN A 61 3.26 -24.18 11.34
C ASN A 61 3.75 -22.82 11.80
N VAL A 62 3.64 -21.82 10.92
CA VAL A 62 4.11 -20.47 11.20
C VAL A 62 2.94 -19.52 11.01
N TYR A 63 2.59 -18.79 12.06
CA TYR A 63 1.54 -17.78 12.02
C TYR A 63 2.18 -16.41 11.92
N ALA A 64 1.67 -15.57 11.04
CA ALA A 64 2.10 -14.19 10.94
C ALA A 64 0.92 -13.29 11.26
N ASP A 65 0.97 -12.62 12.40
CA ASP A 65 -0.11 -11.75 12.86
C ASP A 65 0.31 -10.30 12.69
N SER A 66 -0.48 -9.53 11.94
CA SER A 66 -0.14 -8.16 11.63
C SER A 66 -1.23 -7.22 12.13
N PHE A 67 -0.81 -6.11 12.75
CA PHE A 67 -1.72 -5.10 13.26
C PHE A 67 -0.95 -3.79 13.41
N VAL A 68 -1.67 -2.72 13.70
CA VAL A 68 -1.08 -1.39 13.91
C VAL A 68 -1.45 -0.92 15.31
N ILE A 69 -0.43 -0.56 16.10
CA ILE A 69 -0.62 0.01 17.42
C ILE A 69 0.10 1.34 17.48
N ARG A 70 -0.04 2.00 18.63
CA ARG A 70 0.65 3.23 18.92
C ARG A 70 2.13 2.97 19.14
N GLY A 71 2.94 4.03 19.04
CA GLY A 71 4.37 3.86 19.21
C GLY A 71 4.83 3.62 20.63
N ASP A 72 4.04 4.05 21.61
CA ASP A 72 4.35 3.89 23.03
C ASP A 72 3.73 2.58 23.57
N GLU A 73 3.33 1.69 22.67
CA GLU A 73 2.64 0.47 23.04
C GLU A 73 3.27 -0.78 22.46
N VAL A 74 4.41 -0.68 21.79
CA VAL A 74 5.12 -1.85 21.28
C VAL A 74 5.78 -2.66 22.39
N ARG A 75 5.94 -2.09 23.57
CA ARG A 75 6.44 -2.84 24.72
C ARG A 75 5.41 -3.84 25.24
N GLN A 76 4.13 -3.61 24.97
CA GLN A 76 3.09 -4.54 25.39
C GLN A 76 2.99 -5.76 24.49
N ILE A 77 3.63 -5.75 23.33
CA ILE A 77 3.68 -6.93 22.46
C ILE A 77 4.91 -7.72 22.92
N ALA A 78 4.72 -8.49 24.00
CA ALA A 78 5.76 -9.24 24.66
C ALA A 78 5.09 -10.28 25.53
N PRO A 79 5.75 -11.41 25.80
CA PRO A 79 5.15 -12.42 26.68
C PRO A 79 5.07 -11.92 28.12
N GLY A 80 3.88 -12.04 28.70
CA GLY A 80 3.67 -11.65 30.09
C GLY A 80 3.71 -10.17 30.37
N GLN A 81 3.06 -9.36 29.54
CA GLN A 81 3.01 -7.91 29.75
C GLN A 81 1.58 -7.47 30.04
N THR A 82 1.46 -6.24 30.52
CA THR A 82 0.18 -5.70 30.96
C THR A 82 0.00 -4.31 30.35
N GLY A 83 -1.21 -4.06 29.83
CA GLY A 83 -1.54 -2.76 29.29
C GLY A 83 -2.99 -2.73 28.84
N LYS A 84 -3.30 -1.89 27.85
CA LYS A 84 -4.62 -1.91 27.23
C LYS A 84 -4.62 -2.60 25.88
N ILE A 85 -3.46 -2.94 25.34
CA ILE A 85 -3.34 -3.74 24.14
C ILE A 85 -3.20 -5.22 24.47
N ALA A 86 -2.36 -5.55 25.46
CA ALA A 86 -2.19 -6.94 25.85
C ALA A 86 -3.37 -7.48 26.64
N ASP A 87 -4.21 -6.61 27.20
CA ASP A 87 -5.36 -7.09 27.95
C ASP A 87 -6.57 -7.28 27.06
N TYR A 88 -6.83 -6.34 26.16
CA TYR A 88 -8.09 -6.29 25.43
C TYR A 88 -7.97 -6.51 23.93
N ASN A 89 -6.78 -6.40 23.36
CA ASN A 89 -6.60 -6.54 21.92
C ASN A 89 -5.79 -7.77 21.52
N TYR A 90 -4.57 -7.91 22.02
CA TYR A 90 -3.68 -8.96 21.53
C TYR A 90 -2.80 -9.43 22.68
N LYS A 91 -3.10 -10.62 23.20
CA LYS A 91 -2.35 -11.19 24.32
C LYS A 91 -1.47 -12.32 23.80
N LEU A 92 -0.19 -12.27 24.16
CA LEU A 92 0.80 -13.29 23.85
C LEU A 92 0.98 -14.20 25.06
N PRO A 93 1.11 -15.50 24.86
CA PRO A 93 1.29 -16.42 25.99
C PRO A 93 2.67 -16.27 26.61
N ASP A 94 2.81 -16.81 27.82
CA ASP A 94 4.09 -16.72 28.52
C ASP A 94 5.13 -17.65 27.90
N ASP A 95 4.72 -18.85 27.50
CA ASP A 95 5.60 -19.80 26.83
C ASP A 95 5.59 -19.58 25.31
N PHE A 96 6.00 -18.39 24.89
CA PHE A 96 5.85 -17.96 23.50
C PHE A 96 7.15 -18.17 22.76
N THR A 97 7.12 -19.04 21.76
CA THR A 97 8.16 -19.14 20.75
C THR A 97 7.66 -18.44 19.48
N GLY A 98 8.60 -18.06 18.63
CA GLY A 98 8.31 -17.10 17.59
C GLY A 98 8.55 -15.69 18.07
N CYS A 99 8.41 -14.73 17.17
CA CYS A 99 8.83 -13.39 17.55
C CYS A 99 8.16 -12.27 16.79
N VAL A 100 8.53 -11.05 17.19
CA VAL A 100 7.75 -9.83 17.00
C VAL A 100 8.59 -8.84 16.21
N ILE A 101 8.03 -8.33 15.12
CA ILE A 101 8.70 -7.38 14.25
C ILE A 101 7.89 -6.08 14.28
N ALA A 102 8.54 -4.98 14.61
CA ALA A 102 7.86 -3.69 14.57
C ALA A 102 8.74 -2.67 13.88
N TRP A 103 8.13 -1.81 13.07
CA TRP A 103 8.84 -0.71 12.43
C TRP A 103 7.92 0.50 12.40
N ASN A 104 8.54 1.68 12.32
CA ASN A 104 7.77 2.92 12.29
C ASN A 104 7.11 3.08 10.94
N SER A 105 5.82 3.39 10.95
CA SER A 105 5.05 3.61 9.74
C SER A 105 4.29 4.92 9.83
N ASN A 106 4.99 5.99 10.23
CA ASN A 106 4.40 7.31 10.13
C ASN A 106 4.31 7.78 8.69
N ASN A 107 5.10 7.19 7.80
CA ASN A 107 5.02 7.54 6.39
C ASN A 107 3.74 7.00 5.75
N LEU A 108 3.15 5.95 6.32
CA LEU A 108 2.08 5.23 5.65
C LEU A 108 0.72 5.34 6.33
N ASP A 109 0.67 5.49 7.65
CA ASP A 109 -0.60 5.43 8.38
C ASP A 109 -0.99 6.77 9.01
N SER A 110 -0.29 7.85 8.70
CA SER A 110 -0.55 9.15 9.31
C SER A 110 -1.17 10.08 8.29
N LYS A 111 -2.28 10.70 8.66
CA LYS A 111 -3.01 11.62 7.82
C LYS A 111 -3.21 12.93 8.57
N VAL A 112 -3.07 14.05 7.86
CA VAL A 112 -3.26 15.36 8.47
C VAL A 112 -4.73 15.56 8.77
N GLY A 113 -5.05 15.77 10.05
CA GLY A 113 -6.42 15.89 10.53
C GLY A 113 -6.88 14.70 11.35
N GLY A 114 -6.14 13.60 11.30
CA GLY A 114 -6.49 12.43 12.08
C GLY A 114 -6.84 11.23 11.22
N ASN A 115 -6.05 10.16 11.33
CA ASN A 115 -6.30 8.92 10.62
C ASN A 115 -7.06 7.98 11.54
N TYR A 116 -8.38 8.14 11.56
CA TYR A 116 -9.24 7.33 12.42
C TYR A 116 -9.69 6.05 11.73
N ASN A 117 -8.73 5.31 11.18
CA ASN A 117 -9.00 4.03 10.56
C ASN A 117 -8.70 2.86 11.48
N TYR A 118 -7.67 2.99 12.31
CA TYR A 118 -7.28 1.94 13.23
C TYR A 118 -7.97 2.16 14.57
N ARG A 119 -8.58 1.10 15.09
CA ARG A 119 -9.28 1.16 16.37
C ARG A 119 -8.71 0.10 17.30
N TYR A 120 -8.62 0.44 18.58
CA TYR A 120 -8.20 -0.48 19.61
C TYR A 120 -9.34 -0.69 20.60
N ARG A 121 -9.49 -1.93 21.06
CA ARG A 121 -10.49 -2.20 22.08
C ARG A 121 -10.03 -1.60 23.40
N LEU A 122 -10.88 -0.76 23.98
CA LEU A 122 -10.57 -0.08 25.23
C LEU A 122 -11.22 -0.75 26.43
N PHE A 123 -12.45 -1.23 26.26
CA PHE A 123 -13.28 -1.70 27.36
C PHE A 123 -13.79 -3.09 27.03
N ARG A 124 -13.45 -4.06 27.87
CA ARG A 124 -13.91 -5.43 27.72
C ARG A 124 -13.92 -6.05 29.11
N LYS A 125 -14.87 -6.98 29.33
CA LYS A 125 -15.21 -7.42 30.68
C LYS A 125 -14.06 -8.13 31.39
N SER A 126 -13.27 -8.91 30.65
CA SER A 126 -12.17 -9.66 31.24
C SER A 126 -10.94 -9.52 30.36
N ASN A 127 -9.81 -9.99 30.87
CA ASN A 127 -8.59 -10.02 30.06
C ASN A 127 -8.68 -11.10 29.01
N LEU A 128 -7.89 -10.95 27.96
CA LEU A 128 -7.94 -11.87 26.84
C LEU A 128 -7.11 -13.12 27.12
N LYS A 129 -7.61 -14.25 26.61
CA LYS A 129 -6.79 -15.44 26.51
C LYS A 129 -5.73 -15.24 25.44
N PRO A 130 -4.60 -15.94 25.52
CA PRO A 130 -3.57 -15.80 24.49
C PRO A 130 -4.06 -16.26 23.11
N PHE A 131 -3.65 -15.48 22.09
CA PHE A 131 -4.00 -15.71 20.68
C PHE A 131 -5.50 -15.76 20.46
N GLU A 132 -6.22 -14.87 21.13
CA GLU A 132 -7.66 -14.74 20.99
C GLU A 132 -8.01 -13.33 20.56
N ARG A 133 -8.94 -13.20 19.62
CA ARG A 133 -9.41 -11.90 19.16
C ARG A 133 -10.88 -11.73 19.49
N ASP A 134 -11.30 -10.48 19.62
CA ASP A 134 -12.68 -10.15 19.98
C ASP A 134 -13.15 -9.05 19.04
N ILE A 135 -13.76 -9.44 17.92
CA ILE A 135 -14.21 -8.49 16.92
C ILE A 135 -15.63 -8.00 17.16
N SER A 136 -16.29 -8.51 18.20
CA SER A 136 -17.67 -8.10 18.47
C SER A 136 -17.70 -6.69 19.05
N THR A 137 -18.71 -5.93 18.65
CA THR A 137 -18.88 -4.54 19.09
C THR A 137 -20.16 -4.46 19.90
N GLU A 138 -20.04 -4.55 21.22
CA GLU A 138 -21.19 -4.46 22.11
C GLU A 138 -20.87 -3.55 23.28
N ILE A 139 -21.91 -2.90 23.81
CA ILE A 139 -21.72 -1.80 24.75
C ILE A 139 -21.29 -2.36 26.11
N TYR A 140 -20.49 -1.57 26.83
CA TYR A 140 -19.80 -1.98 28.05
C TYR A 140 -20.74 -1.84 29.26
N GLN A 141 -20.16 -1.76 30.45
CA GLN A 141 -20.59 -2.31 31.74
C GLN A 141 -22.07 -2.34 32.09
N ALA A 142 -22.80 -1.22 31.94
CA ALA A 142 -24.13 -1.01 32.51
C ALA A 142 -24.19 -1.45 33.99
N GLY A 143 -23.40 -0.77 34.80
CA GLY A 143 -23.46 -0.98 36.24
C GLY A 143 -24.81 -0.59 36.81
N SER A 144 -25.36 0.52 36.35
CA SER A 144 -26.75 0.87 36.56
C SER A 144 -27.64 0.14 35.55
N LYS A 145 -28.85 0.67 35.37
CA LYS A 145 -29.86 0.16 34.43
C LYS A 145 -29.28 0.03 33.02
N PRO A 146 -29.65 -1.06 32.29
CA PRO A 146 -28.90 -1.44 31.08
C PRO A 146 -28.93 -0.43 29.94
N CYS A 147 -27.93 -0.54 29.07
CA CYS A 147 -27.70 0.38 27.96
C CYS A 147 -28.82 0.30 26.93
N ASN A 148 -29.36 -0.91 26.74
CA ASN A 148 -30.45 -1.21 25.79
C ASN A 148 -30.07 -0.82 24.37
N GLY A 149 -28.81 -1.05 24.01
CA GLY A 149 -28.34 -0.73 22.68
C GLY A 149 -28.06 0.74 22.42
N VAL A 150 -28.10 1.57 23.46
CA VAL A 150 -27.92 3.02 23.33
C VAL A 150 -26.75 3.42 24.22
N GLU A 151 -25.90 4.29 23.68
CA GLU A 151 -24.72 4.78 24.37
C GLU A 151 -25.10 5.87 25.38
N GLY A 152 -24.12 6.64 25.82
CA GLY A 152 -24.39 7.83 26.59
C GLY A 152 -23.62 7.82 27.88
N PHE A 153 -24.24 8.44 28.89
CA PHE A 153 -23.71 8.37 30.25
C PHE A 153 -23.77 6.94 30.74
N ASN A 154 -22.72 6.53 31.46
CA ASN A 154 -22.43 5.23 32.13
C ASN A 154 -22.68 3.99 31.27
N CYS A 155 -22.69 4.15 29.95
CA CYS A 155 -22.67 3.06 28.99
C CYS A 155 -21.73 3.45 27.86
N TYR A 156 -20.68 2.65 27.69
CA TYR A 156 -19.53 3.07 26.91
C TYR A 156 -19.35 2.14 25.71
N PHE A 157 -19.07 2.74 24.57
CA PHE A 157 -18.70 1.97 23.39
C PHE A 157 -17.27 1.44 23.56
N PRO A 158 -17.04 0.16 23.22
CA PRO A 158 -15.75 -0.46 23.58
C PRO A 158 -14.58 -0.03 22.71
N LEU A 159 -14.83 0.27 21.44
CA LEU A 159 -13.76 0.50 20.47
C LEU A 159 -13.43 1.99 20.42
N GLN A 160 -12.17 2.32 20.64
CA GLN A 160 -11.69 3.69 20.55
C GLN A 160 -10.78 3.82 19.34
N SER A 161 -10.98 4.88 18.57
CA SER A 161 -10.25 5.09 17.32
C SER A 161 -8.92 5.78 17.59
N TYR A 162 -7.86 5.25 17.01
CA TYR A 162 -6.56 5.90 17.07
C TYR A 162 -6.58 7.18 16.25
N GLY A 163 -5.90 8.21 16.75
CA GLY A 163 -5.70 9.41 15.96
C GLY A 163 -4.24 9.57 15.59
N PHE A 164 -3.90 9.33 14.34
CA PHE A 164 -2.53 9.39 13.88
C PHE A 164 -2.36 10.63 13.01
N GLN A 165 -1.44 11.50 13.41
CA GLN A 165 -1.09 12.71 12.68
C GLN A 165 0.43 12.76 12.53
N PRO A 166 0.93 13.35 11.43
CA PRO A 166 2.39 13.39 11.23
C PRO A 166 3.13 14.29 12.22
N THR A 167 2.43 15.17 12.93
CA THR A 167 3.06 16.06 13.91
C THR A 167 3.15 15.44 15.29
N ASN A 168 2.70 14.20 15.46
CA ASN A 168 2.77 13.55 16.77
C ASN A 168 4.21 13.14 17.08
N GLY A 169 4.52 13.09 18.38
CA GLY A 169 5.81 12.61 18.81
C GLY A 169 5.91 11.11 18.70
N VAL A 170 7.15 10.61 18.81
CA VAL A 170 7.43 9.19 18.66
C VAL A 170 6.90 8.46 19.88
N GLY A 171 5.77 7.79 19.70
CA GLY A 171 5.05 7.20 20.80
C GLY A 171 3.56 7.36 20.57
N TYR A 172 3.20 8.40 19.83
CA TYR A 172 1.86 8.53 19.27
C TYR A 172 1.87 8.26 17.77
N GLN A 173 3.04 8.07 17.19
CA GLN A 173 3.20 7.68 15.80
C GLN A 173 2.77 6.23 15.61
N PRO A 174 2.15 5.89 14.49
CA PRO A 174 1.69 4.51 14.29
C PRO A 174 2.86 3.59 13.98
N TYR A 175 2.80 2.39 14.57
CA TYR A 175 3.80 1.36 14.37
C TYR A 175 3.11 0.13 13.79
N ARG A 176 3.77 -0.50 12.82
CA ARG A 176 3.24 -1.69 12.18
C ARG A 176 3.94 -2.91 12.77
N VAL A 177 3.17 -3.79 13.40
CA VAL A 177 3.71 -4.90 14.18
C VAL A 177 3.37 -6.20 13.46
N VAL A 178 4.38 -7.03 13.24
CA VAL A 178 4.21 -8.38 12.70
C VAL A 178 4.73 -9.36 13.74
N VAL A 179 3.89 -10.30 14.15
CA VAL A 179 4.20 -11.26 15.20
C VAL A 179 4.28 -12.64 14.57
N LEU A 180 5.48 -13.12 14.31
CA LEU A 180 5.68 -14.49 13.88
C LEU A 180 5.54 -15.45 15.05
N SER A 181 4.80 -16.53 14.87
CA SER A 181 4.61 -17.55 15.89
C SER A 181 4.92 -18.90 15.28
N PHE A 182 5.88 -19.61 15.87
CA PHE A 182 6.35 -20.87 15.35
C PHE A 182 5.58 -22.03 16.00
N GLU A 183 6.12 -23.24 15.90
CA GLU A 183 5.54 -24.49 16.42
C GLU A 183 4.93 -24.48 17.83
N ALA A 189 7.34 -31.21 10.14
CA ALA A 189 7.94 -29.92 9.82
C ALA A 189 7.70 -29.56 8.36
N THR A 190 7.11 -28.39 8.14
CA THR A 190 6.79 -27.92 6.80
C THR A 190 7.52 -26.65 6.40
N VAL A 191 7.91 -25.80 7.35
CA VAL A 191 8.54 -24.52 7.08
C VAL A 191 10.00 -24.64 7.50
N CYS A 192 10.90 -24.72 6.52
CA CYS A 192 12.32 -24.85 6.77
C CYS A 192 13.07 -23.64 6.23
N GLY A 193 14.39 -23.71 6.28
CA GLY A 193 15.23 -22.61 5.83
C GLY A 193 16.13 -22.96 4.65
N ASP B 1 8.10 -8.57 -5.96
CA ASP B 1 7.02 -7.71 -6.42
C ASP B 1 5.88 -8.55 -6.98
N VAL B 2 4.72 -7.92 -7.14
CA VAL B 2 3.51 -8.60 -7.59
C VAL B 2 3.43 -8.42 -9.10
N VAL B 3 3.83 -9.45 -9.84
CA VAL B 3 3.85 -9.39 -11.30
C VAL B 3 2.42 -9.50 -11.82
N LEU B 4 1.95 -8.45 -12.48
CA LEU B 4 0.60 -8.39 -13.02
C LEU B 4 0.67 -8.63 -14.52
N THR B 5 0.03 -9.68 -14.98
CA THR B 5 0.09 -10.10 -16.38
C THR B 5 -1.26 -9.84 -17.04
N GLN B 6 -1.25 -9.15 -18.18
CA GLN B 6 -2.45 -8.85 -18.93
C GLN B 6 -2.46 -9.67 -20.22
N SER B 7 -3.51 -10.46 -20.40
CA SER B 7 -3.72 -11.21 -21.61
C SER B 7 -5.06 -10.83 -22.23
N PRO B 8 -5.12 -10.60 -23.55
CA PRO B 8 -4.02 -10.62 -24.52
C PRO B 8 -3.21 -9.33 -24.54
N ALA B 9 -2.07 -9.33 -25.23
CA ALA B 9 -1.28 -8.11 -25.38
C ALA B 9 -2.01 -7.09 -26.23
N THR B 10 -2.80 -7.54 -27.20
CA THR B 10 -3.70 -6.68 -27.94
C THR B 10 -4.95 -7.47 -28.28
N LEU B 11 -6.10 -6.80 -28.29
CA LEU B 11 -7.34 -7.43 -28.68
C LEU B 11 -8.08 -6.57 -29.68
N SER B 12 -8.72 -7.22 -30.64
CA SER B 12 -9.47 -6.54 -31.68
C SER B 12 -10.93 -6.93 -31.57
N VAL B 13 -11.80 -5.96 -31.32
CA VAL B 13 -13.24 -6.16 -31.29
C VAL B 13 -13.91 -5.13 -32.17
N SER B 14 -15.04 -5.52 -32.75
CA SER B 14 -15.80 -4.67 -33.64
C SER B 14 -16.46 -3.54 -32.83
N PRO B 15 -16.74 -2.39 -33.47
CA PRO B 15 -17.29 -1.25 -32.71
C PRO B 15 -18.73 -1.45 -32.27
N GLY B 16 -18.90 -2.07 -31.10
CA GLY B 16 -20.22 -2.27 -30.54
C GLY B 16 -20.36 -3.54 -29.72
N GLU B 17 -19.34 -4.38 -29.73
CA GLU B 17 -19.37 -5.62 -28.97
C GLU B 17 -18.61 -5.47 -27.65
N ARG B 18 -18.80 -6.46 -26.78
CA ARG B 18 -18.16 -6.46 -25.47
C ARG B 18 -16.69 -6.82 -25.58
N ALA B 19 -15.84 -6.00 -24.98
CA ALA B 19 -14.40 -6.25 -24.90
C ALA B 19 -14.05 -6.55 -23.46
N THR B 20 -13.44 -7.71 -23.23
CA THR B 20 -13.01 -8.13 -21.90
C THR B 20 -11.50 -8.12 -21.86
N LEU B 21 -10.95 -7.46 -20.84
CA LEU B 21 -9.51 -7.30 -20.69
C LEU B 21 -9.09 -7.93 -19.36
N SER B 22 -8.38 -9.05 -19.43
CA SER B 22 -8.01 -9.79 -18.25
C SER B 22 -6.68 -9.31 -17.69
N CYS B 23 -6.59 -9.23 -16.37
CA CYS B 23 -5.35 -8.89 -15.66
C CYS B 23 -5.17 -9.89 -14.54
N ARG B 24 -4.22 -10.80 -14.70
CA ARG B 24 -3.96 -11.85 -13.71
C ARG B 24 -2.78 -11.45 -12.85
N ALA B 25 -2.96 -11.51 -11.54
CA ALA B 25 -1.95 -11.07 -10.60
C ALA B 25 -1.13 -12.26 -10.10
N SER B 26 0.11 -11.98 -9.71
CA SER B 26 0.98 -13.02 -9.16
C SER B 26 0.48 -13.48 -7.80
N HIS B 27 0.16 -12.54 -6.92
CA HIS B 27 -0.36 -12.85 -5.61
C HIS B 27 -1.79 -12.33 -5.49
N ASN B 28 -2.45 -12.73 -4.41
CA ASN B 28 -3.82 -12.28 -4.15
C ASN B 28 -3.79 -10.82 -3.74
N VAL B 29 -4.18 -9.94 -4.66
CA VAL B 29 -4.22 -8.51 -4.39
C VAL B 29 -5.58 -8.08 -3.84
N GLY B 30 -6.45 -9.03 -3.50
CA GLY B 30 -7.72 -8.68 -2.90
C GLY B 30 -8.67 -8.13 -3.93
N THR B 31 -9.17 -6.94 -3.67
CA THR B 31 -10.00 -6.20 -4.61
C THR B 31 -9.37 -4.86 -4.94
N SER B 32 -8.10 -4.69 -4.57
CA SER B 32 -7.37 -3.44 -4.72
C SER B 32 -6.61 -3.49 -6.03
N LEU B 33 -7.29 -3.13 -7.12
CA LEU B 33 -6.64 -3.12 -8.43
C LEU B 33 -7.31 -2.06 -9.29
N ALA B 34 -6.53 -1.07 -9.71
CA ALA B 34 -7.04 0.03 -10.50
C ALA B 34 -6.83 -0.22 -11.98
N TRP B 35 -7.71 0.35 -12.81
CA TRP B 35 -7.63 0.25 -14.26
C TRP B 35 -7.45 1.63 -14.85
N TYR B 36 -6.41 1.79 -15.68
CA TYR B 36 -6.10 3.08 -16.29
C TYR B 36 -6.36 3.04 -17.78
N GLN B 37 -6.36 4.22 -18.39
CA GLN B 37 -6.62 4.37 -19.82
C GLN B 37 -5.66 5.41 -20.37
N GLN B 38 -4.63 4.97 -21.08
CA GLN B 38 -3.66 5.86 -21.70
C GLN B 38 -3.99 5.95 -23.18
N LYS B 39 -4.73 6.99 -23.55
CA LYS B 39 -4.91 7.29 -24.96
C LYS B 39 -3.59 7.76 -25.54
N PRO B 40 -3.30 7.43 -26.83
CA PRO B 40 -1.95 7.65 -27.38
C PRO B 40 -1.54 9.12 -27.47
N GLY B 41 -0.56 9.49 -26.65
CA GLY B 41 -0.08 10.85 -26.56
C GLY B 41 -0.38 11.51 -25.23
N GLN B 42 -1.46 11.11 -24.57
CA GLN B 42 -1.90 11.77 -23.35
C GLN B 42 -1.43 11.02 -22.11
N ALA B 43 -1.67 11.63 -20.96
CA ALA B 43 -1.39 10.98 -19.68
C ALA B 43 -2.39 9.86 -19.44
N PRO B 44 -2.01 8.85 -18.64
CA PRO B 44 -2.98 7.84 -18.24
C PRO B 44 -4.11 8.43 -17.41
N ARG B 45 -5.28 7.82 -17.52
CA ARG B 45 -6.50 8.32 -16.92
C ARG B 45 -7.14 7.20 -16.13
N LEU B 46 -7.45 7.46 -14.85
CA LEU B 46 -8.00 6.43 -13.99
C LEU B 46 -9.45 6.17 -14.36
N LEU B 47 -9.82 4.89 -14.46
CA LEU B 47 -11.18 4.49 -14.79
C LEU B 47 -11.93 3.90 -13.60
N ILE B 48 -11.41 2.84 -12.98
CA ILE B 48 -12.04 2.16 -11.86
C ILE B 48 -11.02 2.02 -10.74
N HIS B 49 -11.37 2.45 -9.53
CA HIS B 49 -10.45 2.36 -8.40
C HIS B 49 -10.36 0.94 -7.87
N GLY B 50 -11.44 0.45 -7.31
CA GLY B 50 -11.61 -0.94 -6.95
C GLY B 50 -12.95 -1.29 -7.56
N VAL B 51 -13.30 -2.58 -7.63
CA VAL B 51 -14.30 -3.13 -8.56
C VAL B 51 -15.67 -2.46 -8.55
N SER B 52 -15.99 -1.72 -7.49
CA SER B 52 -17.20 -0.93 -7.46
C SER B 52 -17.00 0.47 -8.03
N THR B 53 -16.03 1.20 -7.48
CA THR B 53 -15.95 2.64 -7.69
C THR B 53 -15.40 2.99 -9.06
N ARG B 54 -16.16 3.77 -9.83
CA ARG B 54 -15.69 4.36 -11.07
C ARG B 54 -15.19 5.78 -10.80
N ALA B 55 -14.45 6.33 -11.75
CA ALA B 55 -13.86 7.65 -11.56
C ALA B 55 -14.88 8.74 -11.88
N THR B 56 -14.39 9.98 -11.82
CA THR B 56 -15.23 11.13 -12.13
C THR B 56 -15.00 11.55 -13.58
N GLY B 57 -16.07 11.56 -14.38
CA GLY B 57 -15.96 11.85 -15.79
C GLY B 57 -15.79 10.65 -16.67
N VAL B 58 -15.87 9.44 -16.12
CA VAL B 58 -15.73 8.23 -16.91
C VAL B 58 -17.12 7.83 -17.43
N PRO B 59 -17.21 7.32 -18.66
CA PRO B 59 -18.50 6.79 -19.13
C PRO B 59 -18.93 5.57 -18.33
N ALA B 60 -20.24 5.31 -18.35
CA ALA B 60 -20.83 4.24 -17.57
C ALA B 60 -20.73 2.87 -18.24
N ARG B 61 -20.15 2.81 -19.44
CA ARG B 61 -19.97 1.52 -20.11
C ARG B 61 -18.83 0.70 -19.52
N PHE B 62 -17.89 1.35 -18.83
CA PHE B 62 -16.75 0.66 -18.25
C PHE B 62 -17.18 -0.02 -16.96
N SER B 63 -16.97 -1.33 -16.86
CA SER B 63 -17.33 -2.08 -15.68
C SER B 63 -16.21 -3.05 -15.33
N ASP B 64 -15.92 -3.16 -14.04
CA ASP B 64 -14.91 -4.06 -13.51
C ASP B 64 -15.57 -5.30 -12.93
N SER B 65 -14.77 -6.36 -12.78
CA SER B 65 -15.24 -7.60 -12.16
C SER B 65 -14.03 -8.35 -11.63
N GLY B 66 -14.32 -9.41 -10.88
CA GLY B 66 -13.29 -10.29 -10.39
C GLY B 66 -12.65 -9.79 -9.09
N SER B 67 -12.07 -10.73 -8.36
CA SER B 67 -11.36 -10.42 -7.13
C SER B 67 -10.34 -11.52 -6.88
N GLY B 68 -9.23 -11.15 -6.25
CA GLY B 68 -8.20 -12.12 -5.94
C GLY B 68 -7.05 -12.11 -6.92
N THR B 69 -6.99 -13.12 -7.78
CA THR B 69 -5.94 -13.22 -8.79
C THR B 69 -6.49 -13.24 -10.21
N GLU B 70 -7.68 -12.70 -10.42
CA GLU B 70 -8.31 -12.73 -11.74
C GLU B 70 -9.25 -11.55 -11.85
N PHE B 71 -8.89 -10.58 -12.70
CA PHE B 71 -9.62 -9.33 -12.84
C PHE B 71 -9.89 -9.09 -14.30
N THR B 72 -11.14 -8.80 -14.65
CA THR B 72 -11.53 -8.47 -16.02
C THR B 72 -12.10 -7.07 -16.06
N LEU B 73 -11.67 -6.28 -17.03
CA LEU B 73 -12.30 -5.01 -17.36
C LEU B 73 -13.20 -5.24 -18.56
N THR B 74 -14.48 -4.92 -18.42
CA THR B 74 -15.47 -5.19 -19.45
C THR B 74 -16.05 -3.87 -19.94
N ILE B 75 -15.74 -3.51 -21.19
CA ILE B 75 -16.40 -2.40 -21.87
C ILE B 75 -17.64 -2.97 -22.54
N SER B 76 -18.80 -2.37 -22.27
CA SER B 76 -20.06 -2.94 -22.76
C SER B 76 -20.23 -2.71 -24.25
N SER B 77 -20.30 -1.44 -24.67
CA SER B 77 -20.42 -1.08 -26.08
C SER B 77 -19.24 -0.18 -26.42
N LEU B 78 -18.34 -0.68 -27.27
CA LEU B 78 -17.13 0.06 -27.60
C LEU B 78 -17.46 1.24 -28.49
N GLN B 79 -16.93 2.40 -28.17
CA GLN B 79 -17.07 3.58 -29.00
C GLN B 79 -15.77 3.78 -29.79
N SER B 80 -15.66 4.90 -30.50
CA SER B 80 -14.43 5.25 -31.18
C SER B 80 -13.49 6.05 -30.29
N GLU B 81 -13.94 6.47 -29.10
CA GLU B 81 -13.14 7.24 -28.18
C GLU B 81 -12.57 6.39 -27.05
N ASP B 82 -12.74 5.07 -27.12
CA ASP B 82 -12.21 4.17 -26.10
C ASP B 82 -11.17 3.25 -26.70
N LEU B 83 -10.31 3.78 -27.54
CA LEU B 83 -9.24 3.02 -28.19
C LEU B 83 -7.92 3.47 -27.56
N ALA B 84 -7.43 2.68 -26.60
CA ALA B 84 -6.26 3.09 -25.84
C ALA B 84 -5.56 1.85 -25.33
N VAL B 85 -4.58 2.05 -24.45
CA VAL B 85 -3.83 0.97 -23.82
C VAL B 85 -4.20 0.97 -22.35
N TYR B 86 -4.79 -0.12 -21.88
CA TYR B 86 -5.36 -0.19 -20.55
C TYR B 86 -4.41 -0.92 -19.63
N TYR B 87 -3.95 -0.24 -18.57
CA TYR B 87 -3.01 -0.78 -17.61
C TYR B 87 -3.74 -1.10 -16.31
N CYS B 88 -3.52 -2.29 -15.79
CA CYS B 88 -3.99 -2.63 -14.46
C CYS B 88 -2.87 -2.38 -13.47
N GLN B 89 -3.22 -1.82 -12.32
CA GLN B 89 -2.27 -1.53 -11.26
C GLN B 89 -2.80 -2.08 -9.95
N GLN B 90 -2.02 -2.95 -9.31
CA GLN B 90 -2.35 -3.36 -7.97
C GLN B 90 -1.89 -2.27 -6.99
N TYR B 91 -2.59 -2.16 -5.89
CA TYR B 91 -2.07 -1.34 -4.81
C TYR B 91 -2.29 -1.99 -3.45
N ASN B 92 -2.39 -3.31 -3.42
CA ASN B 92 -2.49 -4.02 -2.15
C ASN B 92 -1.13 -4.13 -1.48
N TYR B 93 -0.07 -4.31 -2.26
CA TYR B 93 1.27 -4.53 -1.72
C TYR B 93 2.23 -3.49 -2.28
N TRP B 94 3.12 -2.98 -1.42
CA TRP B 94 4.24 -2.17 -1.88
C TRP B 94 5.29 -3.08 -2.49
N PRO B 95 5.93 -2.70 -3.61
CA PRO B 95 5.77 -1.51 -4.44
C PRO B 95 4.54 -1.61 -5.33
N LEU B 96 3.99 -0.48 -5.75
CA LEU B 96 2.84 -0.51 -6.62
C LEU B 96 3.29 -0.94 -8.01
N THR B 97 2.60 -1.93 -8.57
CA THR B 97 3.05 -2.55 -9.81
C THR B 97 2.00 -2.40 -10.88
N PHE B 98 2.44 -2.02 -12.07
CA PHE B 98 1.58 -1.88 -13.23
C PHE B 98 1.60 -3.16 -14.05
N GLY B 99 0.64 -3.26 -14.96
CA GLY B 99 0.59 -4.34 -15.91
C GLY B 99 1.30 -3.98 -17.19
N GLY B 100 1.20 -4.87 -18.18
CA GLY B 100 1.86 -4.65 -19.44
C GLY B 100 1.05 -3.79 -20.39
N GLY B 101 -0.25 -3.72 -20.16
CA GLY B 101 -1.13 -2.96 -21.04
C GLY B 101 -1.73 -3.83 -22.13
N THR B 102 -2.86 -3.35 -22.67
CA THR B 102 -3.60 -4.09 -23.68
C THR B 102 -4.09 -3.08 -24.73
N LYS B 103 -3.46 -3.09 -25.89
CA LYS B 103 -3.80 -2.16 -26.98
C LYS B 103 -5.12 -2.61 -27.59
N VAL B 104 -6.19 -1.88 -27.30
CA VAL B 104 -7.50 -2.19 -27.85
C VAL B 104 -7.60 -1.59 -29.25
N GLU B 105 -7.98 -2.41 -30.22
CA GLU B 105 -8.06 -2.01 -31.62
C GLU B 105 -9.46 -2.36 -32.14
N ILE B 106 -9.96 -1.56 -33.08
CA ILE B 106 -11.20 -1.89 -33.78
C ILE B 106 -11.04 -3.11 -34.68
N GLN C 1 -10.32 24.01 -11.27
CA GLN C 1 -9.89 22.73 -11.81
C GLN C 1 -8.71 22.17 -11.02
N VAL C 2 -8.87 20.95 -10.52
CA VAL C 2 -7.76 20.23 -9.89
C VAL C 2 -6.76 19.80 -10.97
N GLN C 3 -5.48 20.09 -10.72
CA GLN C 3 -4.44 19.91 -11.74
C GLN C 3 -3.13 19.49 -11.09
N LEU C 4 -2.31 18.82 -11.89
CA LEU C 4 -0.88 18.66 -11.63
C LEU C 4 -0.14 19.11 -12.89
N VAL C 5 0.57 20.22 -12.79
CA VAL C 5 1.22 20.83 -13.95
C VAL C 5 2.71 20.54 -13.85
N GLN C 6 3.26 19.96 -14.92
CA GLN C 6 4.68 19.65 -14.98
C GLN C 6 5.42 20.69 -15.82
N SER C 7 6.72 20.48 -15.94
CA SER C 7 7.58 21.38 -16.72
C SER C 7 7.51 20.99 -18.19
N GLY C 8 8.39 21.58 -19.00
CA GLY C 8 8.47 21.26 -20.40
C GLY C 8 9.37 20.06 -20.65
N SER C 9 9.73 19.89 -21.92
CA SER C 9 10.59 18.79 -22.31
C SER C 9 12.04 19.05 -21.90
N ALA C 10 12.90 18.10 -22.21
CA ALA C 10 14.33 18.23 -21.91
C ALA C 10 15.14 17.57 -23.00
N LEU C 11 16.32 18.12 -23.26
CA LEU C 11 17.27 17.54 -24.19
C LEU C 11 18.66 17.67 -23.56
N LYS C 12 19.16 16.58 -23.00
CA LYS C 12 20.40 16.59 -22.24
C LYS C 12 21.39 15.60 -22.84
N ARG C 13 22.64 15.74 -22.41
CA ARG C 13 23.75 14.88 -22.75
C ARG C 13 23.90 13.78 -21.71
N PRO C 14 24.54 12.65 -22.05
CA PRO C 14 24.79 11.61 -21.04
C PRO C 14 25.73 12.09 -19.95
N GLY C 15 25.37 11.80 -18.71
CA GLY C 15 26.10 12.27 -17.55
C GLY C 15 25.62 13.60 -16.99
N ALA C 16 24.71 14.28 -17.67
CA ALA C 16 24.18 15.54 -17.17
C ALA C 16 23.05 15.29 -16.18
N SER C 17 22.46 16.37 -15.68
CA SER C 17 21.36 16.31 -14.74
C SER C 17 20.24 17.22 -15.19
N VAL C 18 19.01 16.82 -14.89
CA VAL C 18 17.82 17.58 -15.27
C VAL C 18 16.89 17.64 -14.07
N LYS C 19 16.18 18.76 -13.94
CA LYS C 19 15.37 19.09 -12.78
C LYS C 19 13.94 19.26 -13.24
N LEU C 20 13.09 18.27 -12.98
CA LEU C 20 11.71 18.30 -13.43
C LEU C 20 10.79 18.66 -12.28
N SER C 21 10.01 19.73 -12.46
CA SER C 21 9.08 20.18 -11.45
C SER C 21 7.68 19.69 -11.77
N CYS C 22 6.89 19.49 -10.72
CA CYS C 22 5.49 19.08 -10.85
C CYS C 22 4.69 19.94 -9.87
N LYS C 23 4.01 20.96 -10.38
CA LYS C 23 3.33 21.94 -9.55
C LYS C 23 1.87 21.56 -9.38
N ALA C 24 1.39 21.58 -8.15
CA ALA C 24 0.04 21.15 -7.82
C ALA C 24 -0.83 22.37 -7.56
N SER C 25 -1.94 22.48 -8.28
CA SER C 25 -2.88 23.57 -8.10
C SER C 25 -4.29 23.02 -8.08
N GLY C 26 -5.14 23.64 -7.26
CA GLY C 26 -6.53 23.24 -7.14
C GLY C 26 -6.86 22.43 -5.90
N TYR C 27 -5.86 21.99 -5.13
CA TYR C 27 -6.15 21.22 -3.93
C TYR C 27 -5.08 21.53 -2.89
N THR C 28 -5.36 21.15 -1.65
CA THR C 28 -4.38 21.32 -0.58
C THR C 28 -3.26 20.32 -0.75
N PHE C 29 -2.03 20.82 -0.93
CA PHE C 29 -0.92 19.99 -1.37
C PHE C 29 -0.47 19.00 -0.31
N ILE C 30 -0.54 19.38 0.97
CA ILE C 30 -0.04 18.52 2.05
C ILE C 30 -0.90 17.30 2.30
N ASN C 31 -2.16 17.32 1.90
CA ASN C 31 -3.08 16.24 2.25
C ASN C 31 -2.89 15.00 1.41
N TYR C 32 -2.30 15.10 0.23
CA TYR C 32 -2.29 14.03 -0.75
C TYR C 32 -0.88 13.80 -1.28
N ALA C 33 -0.51 12.52 -1.40
CA ALA C 33 0.84 12.14 -1.77
C ALA C 33 1.06 12.31 -3.28
N ILE C 34 2.35 12.33 -3.66
CA ILE C 34 2.76 12.52 -5.05
C ILE C 34 3.58 11.32 -5.48
N HIS C 35 3.15 10.66 -6.55
CA HIS C 35 3.83 9.49 -7.08
C HIS C 35 4.41 9.79 -8.45
N TRP C 36 5.59 9.25 -8.72
CA TRP C 36 6.28 9.45 -9.99
C TRP C 36 6.25 8.15 -10.78
N VAL C 37 5.75 8.23 -12.02
CA VAL C 37 5.62 7.08 -12.90
C VAL C 37 6.40 7.37 -14.17
N ARG C 38 7.23 6.42 -14.59
CA ARG C 38 8.05 6.56 -15.79
C ARG C 38 7.53 5.64 -16.88
N GLN C 39 7.38 6.17 -18.09
CA GLN C 39 6.98 5.38 -19.25
C GLN C 39 8.00 5.60 -20.37
N ALA C 40 8.74 4.55 -20.71
CA ALA C 40 9.60 4.58 -21.87
C ALA C 40 8.75 4.58 -23.14
N PRO C 41 9.25 5.14 -24.25
CA PRO C 41 8.46 5.12 -25.50
C PRO C 41 8.35 3.70 -26.05
N GLY C 42 7.13 3.32 -26.41
CA GLY C 42 6.83 1.97 -26.81
C GLY C 42 6.99 0.96 -25.69
N GLN C 43 6.66 1.36 -24.46
CA GLN C 43 6.81 0.49 -23.30
C GLN C 43 5.74 0.86 -22.29
N GLY C 44 5.50 -0.05 -21.37
CA GLY C 44 4.46 0.14 -20.38
C GLY C 44 4.85 1.11 -19.28
N LEU C 45 3.86 1.46 -18.47
CA LEU C 45 4.09 2.30 -17.31
C LEU C 45 4.93 1.55 -16.29
N GLN C 46 5.78 2.28 -15.57
CA GLN C 46 6.77 1.63 -14.71
C GLN C 46 7.00 2.53 -13.51
N TRP C 47 6.60 2.04 -12.34
CA TRP C 47 6.54 2.87 -11.13
C TRP C 47 7.94 3.20 -10.62
N MET C 48 8.17 4.47 -10.30
CA MET C 48 9.45 4.94 -9.78
C MET C 48 9.47 5.07 -8.27
N GLY C 49 8.41 5.58 -7.69
CA GLY C 49 8.36 5.78 -6.26
C GLY C 49 7.46 6.95 -5.93
N TRP C 50 7.52 7.38 -4.68
CA TRP C 50 6.63 8.42 -4.21
C TRP C 50 7.32 9.22 -3.11
N ILE C 51 6.72 10.35 -2.78
CA ILE C 51 7.23 11.22 -1.72
C ILE C 51 6.04 11.75 -0.92
N ASN C 52 6.21 11.83 0.38
CA ASN C 52 5.15 12.29 1.27
C ASN C 52 5.24 13.80 1.44
N PRO C 53 4.15 14.54 1.22
CA PRO C 53 4.24 16.00 1.41
C PRO C 53 4.29 16.41 2.87
N ASN C 54 3.61 15.69 3.77
CA ASN C 54 3.55 16.08 5.17
C ASN C 54 4.64 15.43 6.01
N THR C 55 5.51 14.63 5.41
CA THR C 55 6.60 13.99 6.16
C THR C 55 7.93 14.26 5.47
N GLY C 56 7.92 14.36 4.16
CA GLY C 56 9.11 14.64 3.40
C GLY C 56 9.96 13.44 3.06
N ILE C 57 9.54 12.24 3.43
CA ILE C 57 10.34 11.03 3.20
C ILE C 57 10.11 10.51 1.79
N PRO C 58 11.15 10.39 0.97
CA PRO C 58 11.00 9.75 -0.34
C PRO C 58 11.17 8.25 -0.27
N THR C 59 10.50 7.56 -1.17
CA THR C 59 10.58 6.12 -1.29
C THR C 59 10.80 5.77 -2.76
N TYR C 60 11.68 4.83 -3.03
CA TYR C 60 12.08 4.50 -4.40
C TYR C 60 11.74 3.06 -4.72
N ALA C 61 11.65 2.77 -6.01
CA ALA C 61 11.37 1.41 -6.47
C ALA C 61 12.66 0.60 -6.49
N GLN C 62 12.61 -0.57 -7.10
CA GLN C 62 13.76 -1.48 -7.06
C GLN C 62 14.87 -1.01 -7.99
N GLY C 63 14.51 -0.44 -9.15
CA GLY C 63 15.52 -0.01 -10.09
C GLY C 63 15.90 1.45 -9.99
N PHE C 64 15.00 2.27 -9.46
CA PHE C 64 15.19 3.73 -9.44
C PHE C 64 15.75 4.18 -8.10
N THR C 65 16.89 3.58 -7.74
CA THR C 65 17.60 3.90 -6.51
C THR C 65 18.96 4.45 -6.90
N GLY C 66 19.43 5.48 -6.18
CA GLY C 66 20.67 6.11 -6.59
C GLY C 66 20.47 7.36 -7.42
N ARG C 67 20.45 7.18 -8.75
CA ARG C 67 20.42 8.32 -9.68
C ARG C 67 19.19 9.20 -9.51
N PHE C 68 18.07 8.64 -9.08
CA PHE C 68 16.80 9.36 -9.02
C PHE C 68 16.53 9.78 -7.59
N VAL C 69 16.32 11.09 -7.38
CA VAL C 69 16.09 11.66 -6.06
C VAL C 69 14.83 12.54 -6.13
N PHE C 70 13.87 12.27 -5.26
CA PHE C 70 12.68 13.10 -5.17
C PHE C 70 12.87 14.20 -4.12
N SER C 71 12.21 15.33 -4.35
CA SER C 71 12.20 16.44 -3.42
C SER C 71 10.94 17.25 -3.69
N LEU C 72 10.59 18.12 -2.73
CA LEU C 72 9.42 18.97 -2.88
C LEU C 72 9.63 20.26 -2.10
N ASP C 73 8.91 21.30 -2.53
CA ASP C 73 8.79 22.55 -1.79
C ASP C 73 7.32 22.74 -1.42
N THR C 74 7.04 22.75 -0.12
CA THR C 74 5.66 22.75 0.36
C THR C 74 4.96 24.09 0.16
N SER C 75 5.67 25.21 0.38
CA SER C 75 5.03 26.53 0.39
C SER C 75 4.52 26.94 -1.00
N VAL C 76 5.31 26.67 -2.05
CA VAL C 76 4.85 26.94 -3.41
C VAL C 76 4.11 25.76 -4.03
N SER C 77 3.93 24.66 -3.27
CA SER C 77 3.11 23.51 -3.62
C SER C 77 3.57 22.85 -4.93
N THR C 78 4.79 22.32 -4.89
CA THR C 78 5.34 21.63 -6.05
C THR C 78 6.27 20.52 -5.58
N ALA C 79 6.50 19.56 -6.48
CA ALA C 79 7.35 18.41 -6.21
C ALA C 79 8.33 18.23 -7.36
N TYR C 80 9.55 17.84 -7.03
CA TYR C 80 10.66 17.81 -7.98
C TYR C 80 11.21 16.40 -8.13
N LEU C 81 12.22 16.28 -8.99
CA LEU C 81 12.88 15.01 -9.28
C LEU C 81 14.27 15.31 -9.86
N GLN C 82 15.31 14.77 -9.22
CA GLN C 82 16.68 14.85 -9.72
C GLN C 82 17.01 13.61 -10.54
N LEU C 83 17.31 13.81 -11.83
CA LEU C 83 17.90 12.76 -12.65
C LEU C 83 19.41 13.02 -12.76
N SER C 84 20.13 12.71 -11.69
CA SER C 84 21.57 12.84 -11.70
C SER C 84 22.19 11.69 -12.48
N SER C 85 23.26 12.01 -13.22
CA SER C 85 24.06 11.07 -14.00
C SER C 85 23.20 10.34 -15.04
N LEU C 86 22.71 11.13 -15.99
CA LEU C 86 21.87 10.62 -17.06
C LEU C 86 22.65 9.67 -17.95
N LYS C 87 22.02 8.57 -18.32
CA LYS C 87 22.60 7.59 -19.23
C LYS C 87 21.72 7.57 -20.48
N ILE C 88 22.12 6.80 -21.48
CA ILE C 88 21.41 6.78 -22.76
C ILE C 88 20.04 6.14 -22.60
N GLU C 89 19.94 5.06 -21.82
CA GLU C 89 18.66 4.40 -21.57
C GLU C 89 17.86 5.04 -20.43
N ASP C 90 17.73 6.37 -20.45
CA ASP C 90 16.79 7.09 -19.61
C ASP C 90 15.87 7.96 -20.44
N THR C 91 15.85 7.78 -21.75
CA THR C 91 14.93 8.49 -22.63
C THR C 91 13.52 7.98 -22.37
N ALA C 92 12.72 8.75 -21.65
CA ALA C 92 11.40 8.29 -21.24
C ALA C 92 10.52 9.48 -20.90
N VAL C 93 9.23 9.22 -20.76
CA VAL C 93 8.27 10.21 -20.30
C VAL C 93 8.08 10.03 -18.80
N TYR C 94 8.20 11.12 -18.05
CA TYR C 94 8.14 11.09 -16.59
C TYR C 94 6.89 11.81 -16.12
N TYR C 95 5.95 11.05 -15.55
CA TYR C 95 4.70 11.58 -15.04
C TYR C 95 4.79 11.76 -13.53
N CYS C 96 4.03 12.73 -13.02
CA CYS C 96 3.76 12.82 -11.60
C CYS C 96 2.28 12.58 -11.39
N ALA C 97 1.94 11.91 -10.30
CA ALA C 97 0.57 11.45 -10.09
C ALA C 97 0.14 11.77 -8.67
N ARG C 98 -1.17 11.89 -8.49
CA ARG C 98 -1.77 12.24 -7.22
C ARG C 98 -2.52 11.04 -6.68
N ASP C 99 -2.46 10.83 -5.36
CA ASP C 99 -3.13 9.69 -4.75
C ASP C 99 -4.57 9.99 -4.41
N GLN C 100 -5.45 9.04 -4.70
CA GLN C 100 -6.87 9.19 -4.40
C GLN C 100 -7.10 9.23 -2.89
N ASP C 101 -6.45 8.34 -2.16
CA ASP C 101 -6.65 8.23 -0.72
C ASP C 101 -5.37 7.69 -0.12
N LEU C 102 -5.34 7.60 1.21
CA LEU C 102 -4.17 7.09 1.92
C LEU C 102 -3.97 5.60 1.70
N TYR C 103 -5.04 4.82 1.61
CA TYR C 103 -4.95 3.38 1.41
C TYR C 103 -5.52 2.95 0.07
N GLU C 104 -6.06 3.88 -0.72
CA GLU C 104 -6.54 3.62 -2.07
C GLU C 104 -5.59 4.35 -3.01
N ARG C 105 -4.46 3.71 -3.32
CA ARG C 105 -3.40 4.34 -4.11
C ARG C 105 -3.69 4.15 -5.60
N ALA C 106 -4.78 4.75 -6.04
CA ALA C 106 -5.13 4.83 -7.45
C ALA C 106 -4.89 6.26 -7.91
N PHE C 107 -4.14 6.40 -8.99
CA PHE C 107 -3.61 7.71 -9.38
C PHE C 107 -4.70 8.45 -10.15
N ASP C 108 -5.54 9.21 -9.44
CA ASP C 108 -6.69 9.83 -10.07
C ASP C 108 -6.35 11.04 -10.93
N ILE C 109 -5.44 11.90 -10.48
CA ILE C 109 -5.05 13.08 -11.24
C ILE C 109 -3.57 12.97 -11.58
N TRP C 110 -3.26 13.04 -12.86
CA TRP C 110 -1.91 12.85 -13.36
C TRP C 110 -1.33 14.19 -13.82
N GLY C 111 -0.04 14.17 -14.12
CA GLY C 111 0.61 15.30 -14.72
C GLY C 111 0.44 15.29 -16.22
N GLN C 112 1.26 16.08 -16.90
CA GLN C 112 1.25 16.12 -18.35
C GLN C 112 2.41 15.38 -18.98
N GLY C 113 3.44 15.02 -18.21
CA GLY C 113 4.57 14.29 -18.74
C GLY C 113 5.64 15.19 -19.31
N THR C 114 6.89 14.95 -18.93
CA THR C 114 8.04 15.67 -19.45
C THR C 114 8.90 14.69 -20.22
N MET C 115 8.93 14.80 -21.54
CA MET C 115 9.74 13.93 -22.38
C MET C 115 11.20 14.28 -22.18
N VAL C 116 11.90 13.50 -21.36
CA VAL C 116 13.32 13.68 -21.14
C VAL C 116 14.03 12.87 -22.22
N THR C 117 14.43 13.55 -23.29
CA THR C 117 15.19 12.91 -24.36
C THR C 117 16.67 13.15 -24.13
N VAL C 118 17.44 12.07 -24.05
CA VAL C 118 18.88 12.15 -23.83
C VAL C 118 19.57 11.41 -24.97
N SER C 119 20.67 11.98 -25.46
CA SER C 119 21.40 11.42 -26.58
C SER C 119 22.85 11.87 -26.58
#